data_3I5M
#
_entry.id   3I5M
#
_cell.length_a   45.421
_cell.length_b   50.715
_cell.length_c   68.051
_cell.angle_alpha   90.00
_cell.angle_beta   103.18
_cell.angle_gamma   90.00
#
_symmetry.space_group_name_H-M   'P 1 21 1'
#
loop_
_entity.id
_entity.type
_entity.pdbx_description
1 polymer 'Putative leucoanthocyanidin reductase 1'
2 water water
#
_entity_poly.entity_id   1
_entity_poly.type   'polypeptide(L)'
_entity_poly.pdbx_seq_one_letter_code
;MTVSPVPSPKGRVLIAGATGFIGQFVATASLDAHRPTYILARPGPRSPSKAKIFKALEDKGAIIVYGLINEQEAMEKILK
EHEIDIVVSTVGGESILDQIALVKAMKAVGTIKRFLPSEFGHDVNRADPVEPGLNMYREKRRVRQLVEESGIPFTYICCN
SIASWPYYNNIHPSEVLPPTDFFQIYGDGNVKAYFVAGTDIGKFTMKTVDDVRTLNKSVHFRPSCNCLNINELASVWEKK
IGRTLPRVTVTEDDLLAAAGENIIPQSVVAAFTHDIFIKGCQVNFSIDGPEDVEVTTLYPEDSFRTVEECFGEYIVKMEE
KQPTADSAIANTGPVVGMRQVTATCA
;
_entity_poly.pdbx_strand_id   A
#
# COMPACT_ATOMS: atom_id res chain seq x y z
N GLY A 11 13.42 19.19 3.59
CA GLY A 11 12.44 18.27 4.25
C GLY A 11 12.93 16.83 4.33
N ARG A 12 13.49 16.45 5.49
CA ARG A 12 14.09 15.12 5.68
C ARG A 12 13.05 14.06 5.94
N VAL A 13 13.17 12.95 5.23
CA VAL A 13 12.16 11.89 5.26
C VAL A 13 12.65 10.67 6.00
N LEU A 14 11.94 10.29 7.05
CA LEU A 14 12.15 8.99 7.67
C LEU A 14 11.16 7.97 7.13
N ILE A 15 11.69 6.80 6.78
CA ILE A 15 10.89 5.69 6.29
C ILE A 15 11.12 4.45 7.11
N ALA A 16 10.03 3.94 7.66
CA ALA A 16 10.03 2.64 8.34
C ALA A 16 9.42 1.60 7.43
N GLY A 17 9.98 0.38 7.47
CA GLY A 17 9.48 -0.76 6.71
C GLY A 17 9.87 -0.66 5.25
N ALA A 18 11.05 -0.09 5.01
CA ALA A 18 11.57 0.10 3.67
C ALA A 18 12.17 -1.17 3.05
N THR A 19 12.21 -2.27 3.81
CA THR A 19 12.60 -3.58 3.26
C THR A 19 11.34 -4.37 2.88
N GLY A 20 10.19 -3.81 3.25
CA GLY A 20 8.89 -4.39 2.91
C GLY A 20 8.64 -4.39 1.41
N PHE A 21 7.60 -5.11 0.98
CA PHE A 21 7.16 -5.08 -0.40
C PHE A 21 6.81 -3.65 -0.92
N ILE A 22 5.91 -2.95 -0.23
CA ILE A 22 5.60 -1.56 -0.58
C ILE A 22 6.77 -0.64 -0.30
N GLY A 23 7.34 -0.76 0.91
CA GLY A 23 8.43 0.09 1.38
C GLY A 23 9.60 0.23 0.42
N GLN A 24 9.94 -0.85 -0.27
CA GLN A 24 10.99 -0.79 -1.30
C GLN A 24 10.69 0.19 -2.45
N PHE A 25 9.41 0.26 -2.84
CA PHE A 25 8.94 1.15 -3.94
C PHE A 25 8.94 2.62 -3.58
N VAL A 26 8.56 2.90 -2.34
CA VAL A 26 8.40 4.25 -1.80
C VAL A 26 9.76 4.91 -1.53
N ALA A 27 10.66 4.18 -0.87
CA ALA A 27 12.02 4.65 -0.59
C ALA A 27 12.80 4.98 -1.86
N THR A 28 12.73 4.12 -2.86
CA THR A 28 13.41 4.36 -4.12
C THR A 28 12.88 5.62 -4.77
N ALA A 29 11.57 5.78 -4.78
CA ALA A 29 10.88 6.97 -5.28
C ALA A 29 11.34 8.25 -4.57
N SER A 30 11.42 8.20 -3.25
CA SER A 30 11.92 9.33 -2.47
C SER A 30 13.35 9.68 -2.87
N LEU A 31 14.19 8.67 -2.95
CA LEU A 31 15.58 8.84 -3.37
C LEU A 31 15.67 9.35 -4.80
N ASP A 32 14.82 8.82 -5.68
CA ASP A 32 14.74 9.28 -7.07
C ASP A 32 14.23 10.71 -7.18
N ALA A 33 13.33 11.10 -6.28
CA ALA A 33 12.90 12.50 -6.16
C ALA A 33 13.99 13.40 -5.54
N HIS A 34 15.19 12.84 -5.36
CA HIS A 34 16.31 13.55 -4.71
C HIS A 34 15.96 14.28 -3.41
N ARG A 35 15.01 13.70 -2.67
CA ARG A 35 14.71 14.09 -1.30
C ARG A 35 15.74 13.47 -0.35
N PRO A 36 16.03 14.12 0.80
CA PRO A 36 16.92 13.51 1.83
C PRO A 36 16.22 12.39 2.60
N THR A 37 16.75 11.18 2.51
CA THR A 37 16.02 9.98 2.93
C THR A 37 16.77 9.17 3.97
N TYR A 38 16.10 8.92 5.09
CA TYR A 38 16.64 8.07 6.15
C TYR A 38 15.85 6.78 6.25
N ILE A 39 16.56 5.67 6.33
CA ILE A 39 15.89 4.38 6.41
C ILE A 39 16.07 3.83 7.79
N LEU A 40 14.95 3.57 8.45
CA LEU A 40 14.98 2.92 9.75
C LEU A 40 15.21 1.43 9.60
N ALA A 41 16.30 0.95 10.19
CA ALA A 41 16.71 -0.45 10.07
C ALA A 41 16.81 -1.14 11.43
N ARG A 42 16.55 -2.45 11.43
CA ARG A 42 16.68 -3.25 12.64
C ARG A 42 18.15 -3.60 12.88
N PRO A 43 18.56 -3.55 14.15
CA PRO A 43 19.96 -3.82 14.51
C PRO A 43 20.33 -5.30 14.39
N GLY A 44 21.63 -5.59 14.35
CA GLY A 44 22.12 -6.96 14.26
C GLY A 44 22.16 -7.43 12.81
N PRO A 45 22.73 -8.62 12.61
CA PRO A 45 22.94 -9.19 11.27
C PRO A 45 21.69 -9.39 10.42
N ARG A 46 21.87 -9.51 9.11
CA ARG A 46 20.78 -9.35 8.14
C ARG A 46 20.72 -10.41 7.02
N SER A 47 19.54 -10.52 6.43
CA SER A 47 19.18 -11.46 5.36
C SER A 47 19.95 -11.17 4.06
N PRO A 48 20.00 -12.14 3.11
CA PRO A 48 20.54 -11.91 1.75
C PRO A 48 19.75 -10.92 0.86
N SER A 49 18.42 -11.03 0.79
CA SER A 49 17.61 -10.04 0.06
C SER A 49 17.65 -8.67 0.73
N LYS A 50 17.69 -8.68 2.07
CA LYS A 50 17.83 -7.45 2.86
C LYS A 50 19.09 -6.65 2.52
N ALA A 51 20.20 -7.34 2.33
CA ALA A 51 21.46 -6.69 1.96
C ALA A 51 21.41 -6.09 0.55
N LYS A 52 20.70 -6.76 -0.36
CA LYS A 52 20.50 -6.28 -1.73
C LYS A 52 19.65 -5.00 -1.79
N ILE A 53 18.81 -4.78 -0.78
CA ILE A 53 18.00 -3.56 -0.67
C ILE A 53 18.80 -2.43 -0.02
N PHE A 54 19.38 -2.68 1.15
CA PHE A 54 20.22 -1.69 1.85
C PHE A 54 21.43 -1.27 1.02
N LYS A 55 21.98 -2.21 0.26
CA LYS A 55 23.08 -1.91 -0.66
C LYS A 55 22.64 -0.88 -1.69
N ALA A 56 21.54 -1.17 -2.40
CA ALA A 56 21.02 -0.28 -3.44
C ALA A 56 20.56 1.11 -2.94
N LEU A 57 19.79 1.14 -1.84
CA LEU A 57 19.35 2.40 -1.24
C LEU A 57 20.54 3.29 -0.82
N GLU A 58 21.48 2.73 -0.07
CA GLU A 58 22.68 3.46 0.35
C GLU A 58 23.40 4.11 -0.83
N ASP A 59 23.56 3.34 -1.90
CA ASP A 59 24.20 3.80 -3.13
C ASP A 59 23.44 4.96 -3.76
N LYS A 60 22.11 4.94 -3.63
CA LYS A 60 21.24 6.01 -4.11
C LYS A 60 21.20 7.22 -3.15
N GLY A 61 22.09 7.23 -2.14
CA GLY A 61 22.21 8.34 -1.20
C GLY A 61 21.56 8.17 0.17
N ALA A 62 20.78 7.10 0.35
CA ALA A 62 20.08 6.80 1.61
C ALA A 62 20.98 6.76 2.84
N ILE A 63 20.48 7.36 3.92
CA ILE A 63 21.14 7.31 5.22
C ILE A 63 20.43 6.30 6.14
N ILE A 64 21.21 5.38 6.71
CA ILE A 64 20.66 4.33 7.58
C ILE A 64 20.72 4.68 9.07
N VAL A 65 19.55 4.71 9.70
CA VAL A 65 19.46 4.91 11.15
C VAL A 65 18.91 3.65 11.82
N TYR A 66 19.38 3.36 13.02
CA TYR A 66 19.02 2.12 13.69
C TYR A 66 18.04 2.35 14.83
N GLY A 67 16.90 1.68 14.74
CA GLY A 67 15.90 1.79 15.78
C GLY A 67 14.80 0.79 15.54
N LEU A 68 13.86 0.78 16.49
CA LEU A 68 12.59 0.08 16.36
C LEU A 68 11.48 1.08 16.66
N ILE A 69 10.37 0.98 15.94
CA ILE A 69 9.29 1.98 16.00
C ILE A 69 8.35 1.82 17.20
N ASN A 70 8.57 0.76 17.98
CA ASN A 70 7.78 0.49 19.17
C ASN A 70 8.54 0.82 20.47
N GLU A 71 9.82 1.16 20.34
CA GLU A 71 10.60 1.72 21.45
C GLU A 71 10.49 3.23 21.36
N GLN A 72 9.50 3.79 22.06
CA GLN A 72 9.18 5.21 21.98
C GLN A 72 10.39 6.12 22.16
N GLU A 73 11.11 5.92 23.26
CA GLU A 73 12.30 6.71 23.58
C GLU A 73 13.31 6.75 22.43
N ALA A 74 13.61 5.59 21.85
CA ALA A 74 14.57 5.49 20.75
C ALA A 74 14.17 6.38 19.56
N MET A 75 12.88 6.37 19.25
CA MET A 75 12.32 7.14 18.15
C MET A 75 12.37 8.65 18.38
N GLU A 76 12.26 9.07 19.63
CA GLU A 76 12.45 10.47 20.01
C GLU A 76 13.88 10.95 19.71
N LYS A 77 14.88 10.24 20.25
CA LYS A 77 16.30 10.53 19.95
C LYS A 77 16.55 10.52 18.44
N ILE A 78 15.87 9.62 17.72
CA ILE A 78 16.08 9.51 16.28
C ILE A 78 15.50 10.70 15.52
N LEU A 79 14.26 11.06 15.83
CA LEU A 79 13.59 12.19 15.20
C LEU A 79 14.30 13.49 15.50
N LYS A 80 14.70 13.68 16.76
CA LYS A 80 15.36 14.93 17.17
C LYS A 80 16.75 15.08 16.54
N GLU A 81 17.61 14.08 16.71
CA GLU A 81 18.99 14.13 16.23
C GLU A 81 19.10 14.35 14.71
N HIS A 82 18.25 13.65 13.96
CA HIS A 82 18.31 13.68 12.50
C HIS A 82 17.36 14.71 11.85
N GLU A 83 16.65 15.48 12.69
CA GLU A 83 15.77 16.57 12.23
C GLU A 83 14.74 16.26 11.16
N ILE A 84 13.88 15.30 11.47
CA ILE A 84 13.00 14.67 10.49
C ILE A 84 11.73 15.47 10.29
N ASP A 85 11.44 15.78 9.04
CA ASP A 85 10.23 16.53 8.72
C ASP A 85 9.03 15.61 8.46
N ILE A 86 9.31 14.45 7.86
CA ILE A 86 8.29 13.63 7.26
C ILE A 86 8.52 12.18 7.63
N VAL A 87 7.49 11.53 8.13
CA VAL A 87 7.59 10.15 8.53
C VAL A 87 6.66 9.30 7.66
N VAL A 88 7.24 8.36 6.93
CA VAL A 88 6.45 7.40 6.18
C VAL A 88 6.65 6.04 6.76
N SER A 89 5.57 5.47 7.25
CA SER A 89 5.61 4.12 7.77
C SER A 89 4.99 3.16 6.78
N THR A 90 5.69 2.06 6.50
CA THR A 90 5.22 1.12 5.49
C THR A 90 5.18 -0.30 6.01
N VAL A 91 5.22 -0.40 7.35
CA VAL A 91 5.28 -1.69 8.04
C VAL A 91 4.14 -2.62 7.69
N GLY A 92 4.42 -3.92 7.71
CA GLY A 92 3.46 -4.97 7.37
C GLY A 92 2.29 -5.07 8.33
N GLY A 93 1.32 -5.89 7.94
CA GLY A 93 0.04 -5.97 8.64
C GLY A 93 0.06 -6.62 10.01
N GLU A 94 1.12 -7.35 10.33
CA GLU A 94 1.26 -7.87 11.69
C GLU A 94 1.88 -6.80 12.64
N SER A 95 2.51 -5.79 12.06
CA SER A 95 3.17 -4.74 12.85
C SER A 95 2.35 -3.48 13.09
N ILE A 96 1.10 -3.44 12.63
CA ILE A 96 0.30 -2.21 12.69
C ILE A 96 0.23 -1.52 14.07
N LEU A 97 -0.01 -2.28 15.13
CA LEU A 97 -0.07 -1.67 16.47
C LEU A 97 1.28 -1.19 17.03
N ASP A 98 2.39 -1.66 16.45
CA ASP A 98 3.74 -1.15 16.77
C ASP A 98 3.91 0.34 16.46
N GLN A 99 3.10 0.88 15.56
CA GLN A 99 3.14 2.33 15.25
C GLN A 99 2.64 3.17 16.40
N ILE A 100 1.90 2.56 17.34
CA ILE A 100 1.40 3.33 18.47
C ILE A 100 2.49 4.03 19.27
N ALA A 101 3.65 3.40 19.45
CA ALA A 101 4.76 4.10 20.07
C ALA A 101 5.40 5.13 19.15
N LEU A 102 5.36 4.91 17.84
CA LEU A 102 5.91 5.89 16.90
C LEU A 102 5.11 7.19 16.94
N VAL A 103 3.79 7.05 17.10
CA VAL A 103 2.88 8.18 17.10
C VAL A 103 3.07 8.97 18.40
N LYS A 104 3.27 8.24 19.50
CA LYS A 104 3.49 8.89 20.78
C LYS A 104 4.79 9.71 20.70
N ALA A 105 5.81 9.12 20.08
CA ALA A 105 7.11 9.75 19.84
C ALA A 105 6.97 11.04 19.02
N MET A 106 6.25 10.97 17.88
CA MET A 106 6.04 12.17 17.04
C MET A 106 5.31 13.31 17.76
N LYS A 107 4.45 12.95 18.69
CA LYS A 107 3.72 13.93 19.46
C LYS A 107 4.67 14.63 20.43
N ALA A 108 5.50 13.83 21.10
CA ALA A 108 6.48 14.33 22.07
C ALA A 108 7.42 15.38 21.50
N VAL A 109 7.99 15.12 20.33
CA VAL A 109 8.99 16.01 19.77
C VAL A 109 8.37 17.14 18.96
N GLY A 110 7.09 16.99 18.59
CA GLY A 110 6.26 18.07 18.05
C GLY A 110 6.68 18.86 16.80
N THR A 111 7.71 18.39 16.09
CA THR A 111 8.21 19.09 14.90
C THR A 111 7.89 18.42 13.55
N ILE A 112 6.88 17.53 13.51
CA ILE A 112 6.63 16.72 12.30
C ILE A 112 5.64 17.38 11.35
N LYS A 113 5.98 17.43 10.07
CA LYS A 113 5.19 18.17 9.09
C LYS A 113 4.21 17.28 8.35
N ARG A 114 4.49 15.98 8.31
CA ARG A 114 3.57 15.04 7.69
C ARG A 114 3.87 13.66 8.19
N PHE A 115 2.82 12.93 8.54
CA PHE A 115 2.91 11.51 8.83
C PHE A 115 2.06 10.68 7.87
N LEU A 116 2.68 9.73 7.17
CA LEU A 116 1.92 8.72 6.43
C LEU A 116 1.93 7.40 7.22
N PRO A 117 0.79 7.03 7.84
CA PRO A 117 0.69 5.69 8.47
C PRO A 117 0.62 4.60 7.40
N SER A 118 0.72 3.34 7.81
CA SER A 118 0.77 2.24 6.86
C SER A 118 -0.62 1.92 6.34
N GLU A 119 -1.01 2.57 5.25
CA GLU A 119 -2.31 2.33 4.69
C GLU A 119 -2.37 1.54 3.34
N PHE A 120 -2.01 2.18 2.27
CA PHE A 120 -1.65 1.54 1.02
C PHE A 120 -2.63 0.43 0.64
N GLY A 121 -3.91 0.70 0.88
CA GLY A 121 -4.93 -0.24 0.49
C GLY A 121 -6.20 0.51 0.22
N HIS A 122 -7.25 0.09 0.89
CA HIS A 122 -8.55 0.68 0.73
C HIS A 122 -8.78 1.76 1.76
N ASP A 123 -9.90 2.47 1.66
CA ASP A 123 -10.25 3.37 2.73
C ASP A 123 -10.86 2.55 3.88
N VAL A 124 -10.10 2.46 4.96
CA VAL A 124 -10.49 1.60 6.07
C VAL A 124 -11.71 2.10 6.82
N ASN A 125 -12.04 3.39 6.68
CA ASN A 125 -13.26 3.92 7.27
C ASN A 125 -14.53 3.64 6.45
N ARG A 126 -14.37 3.37 5.16
CA ARG A 126 -15.52 3.09 4.29
C ARG A 126 -15.79 1.61 4.05
N ALA A 127 -14.74 0.80 3.96
CA ALA A 127 -14.87 -0.63 3.69
C ALA A 127 -15.18 -1.48 4.94
N ASP A 128 -16.06 -2.47 4.80
CA ASP A 128 -16.46 -3.37 5.90
C ASP A 128 -16.16 -4.84 5.55
N PRO A 129 -14.88 -5.26 5.60
CA PRO A 129 -14.56 -6.65 5.27
C PRO A 129 -14.92 -7.60 6.40
N VAL A 130 -15.04 -8.88 6.07
CA VAL A 130 -15.28 -9.88 7.09
C VAL A 130 -13.97 -10.21 7.85
N GLU A 131 -14.08 -10.88 8.99
CA GLU A 131 -12.92 -11.37 9.72
C GLU A 131 -12.09 -12.37 8.90
N PRO A 132 -10.75 -12.35 9.04
CA PRO A 132 -9.93 -11.57 9.96
C PRO A 132 -9.40 -10.30 9.33
N GLY A 133 -9.76 -10.04 8.08
CA GLY A 133 -9.49 -8.74 7.43
C GLY A 133 -10.04 -7.58 8.24
N LEU A 134 -11.25 -7.76 8.78
CA LEU A 134 -11.87 -6.76 9.66
C LEU A 134 -11.00 -6.32 10.84
N ASN A 135 -10.39 -7.30 11.52
CA ASN A 135 -9.52 -6.99 12.63
C ASN A 135 -8.33 -6.12 12.21
N MET A 136 -7.67 -6.48 11.10
CA MET A 136 -6.61 -5.64 10.56
C MET A 136 -7.09 -4.18 10.42
N TYR A 137 -8.30 -3.99 9.89
CA TYR A 137 -8.85 -2.63 9.73
C TYR A 137 -9.11 -1.94 11.05
N ARG A 138 -9.60 -2.71 12.03
CA ARG A 138 -9.70 -2.23 13.40
C ARG A 138 -8.38 -1.68 13.85
N GLU A 139 -7.29 -2.41 13.60
CA GLU A 139 -5.95 -1.99 14.02
C GLU A 139 -5.54 -0.65 13.30
N LYS A 140 -5.87 -0.55 12.01
CA LYS A 140 -5.60 0.64 11.24
C LYS A 140 -6.46 1.82 11.68
N ARG A 141 -7.77 1.58 11.85
CA ARG A 141 -8.67 2.64 12.30
C ARG A 141 -8.20 3.21 13.63
N ARG A 142 -7.77 2.34 14.54
CA ARG A 142 -7.27 2.73 15.82
C ARG A 142 -6.03 3.64 15.66
N VAL A 143 -5.16 3.32 14.72
CA VAL A 143 -4.03 4.20 14.47
C VAL A 143 -4.51 5.57 13.97
N ARG A 144 -5.50 5.57 13.08
CA ARG A 144 -6.05 6.84 12.62
C ARG A 144 -6.51 7.72 13.77
N GLN A 145 -7.40 7.17 14.59
CA GLN A 145 -7.93 7.86 15.77
C GLN A 145 -6.80 8.47 16.59
N LEU A 146 -5.79 7.66 16.91
CA LEU A 146 -4.64 8.14 17.67
C LEU A 146 -3.88 9.31 16.99
N VAL A 147 -3.70 9.22 15.67
CA VAL A 147 -3.00 10.27 14.92
C VAL A 147 -3.73 11.62 15.01
N GLU A 148 -5.05 11.60 14.78
CA GLU A 148 -5.84 12.82 14.66
C GLU A 148 -5.98 13.47 16.04
N GLU A 149 -6.18 12.64 17.07
CA GLU A 149 -6.32 13.10 18.43
C GLU A 149 -5.00 13.70 18.93
N SER A 150 -3.90 13.26 18.36
CA SER A 150 -2.58 13.80 18.72
C SER A 150 -2.18 15.11 17.98
N GLY A 151 -3.09 15.66 17.18
CA GLY A 151 -2.83 16.86 16.38
C GLY A 151 -1.66 16.73 15.40
N ILE A 152 -1.37 15.53 14.92
CA ILE A 152 -0.29 15.32 13.93
C ILE A 152 -0.83 15.51 12.50
N PRO A 153 -0.13 16.28 11.64
CA PRO A 153 -0.59 16.37 10.27
C PRO A 153 -0.37 15.05 9.52
N PHE A 154 -1.35 14.63 8.73
CA PHE A 154 -1.36 13.29 8.12
C PHE A 154 -1.77 13.27 6.63
N THR A 155 -1.41 12.19 5.95
CA THR A 155 -1.94 11.84 4.62
C THR A 155 -2.18 10.33 4.58
N TYR A 156 -3.40 9.90 4.21
CA TYR A 156 -3.68 8.46 4.11
C TYR A 156 -3.63 8.01 2.66
N ILE A 157 -2.70 7.11 2.33
CA ILE A 157 -2.63 6.57 0.99
C ILE A 157 -3.63 5.42 0.78
N CYS A 158 -4.72 5.72 0.08
CA CYS A 158 -5.68 4.69 -0.34
C CYS A 158 -5.46 4.30 -1.79
N CYS A 159 -4.41 3.53 -2.03
CA CYS A 159 -3.95 3.29 -3.39
C CYS A 159 -4.49 2.01 -4.03
N ASN A 160 -5.42 1.37 -3.32
CA ASN A 160 -6.09 0.19 -3.88
C ASN A 160 -5.09 -0.90 -4.26
N SER A 161 -5.23 -1.52 -5.43
CA SER A 161 -4.56 -2.78 -5.73
C SER A 161 -3.25 -2.64 -6.49
N ILE A 162 -2.18 -3.17 -5.89
CA ILE A 162 -0.93 -3.36 -6.61
C ILE A 162 -1.16 -4.28 -7.81
N ALA A 163 -0.60 -3.92 -8.96
CA ALA A 163 -0.87 -4.63 -10.20
C ALA A 163 -0.13 -5.98 -10.27
N SER A 164 -0.74 -6.96 -9.62
CA SER A 164 -0.33 -8.35 -9.75
C SER A 164 -1.59 -9.14 -10.07
N TRP A 165 -1.46 -10.41 -10.39
CA TRP A 165 -2.66 -11.22 -10.48
C TRP A 165 -3.29 -11.35 -9.07
N PRO A 166 -4.61 -11.09 -8.95
CA PRO A 166 -5.33 -11.07 -7.67
C PRO A 166 -5.70 -12.46 -7.09
N TYR A 167 -4.72 -13.31 -6.80
CA TYR A 167 -4.95 -14.62 -6.19
C TYR A 167 -5.59 -14.55 -4.79
N TYR A 168 -6.27 -15.63 -4.40
CA TYR A 168 -7.03 -15.67 -3.15
C TYR A 168 -6.14 -15.84 -1.92
N ASN A 169 -5.04 -16.58 -2.06
CA ASN A 169 -4.08 -16.81 -0.96
C ASN A 169 -2.90 -15.84 -0.95
N ASN A 170 -2.14 -15.76 -2.04
CA ASN A 170 -1.01 -14.83 -2.16
N VAL A 176 2.51 -12.66 -7.69
CA VAL A 176 3.36 -13.38 -8.64
C VAL A 176 2.75 -13.51 -10.03
N LEU A 177 3.41 -14.28 -10.89
CA LEU A 177 2.99 -14.51 -12.28
C LEU A 177 1.50 -14.93 -12.38
N PRO A 178 0.74 -14.31 -13.30
CA PRO A 178 -0.65 -14.71 -13.53
C PRO A 178 -0.76 -16.17 -14.00
N PRO A 179 -1.97 -16.78 -13.92
CA PRO A 179 -2.06 -18.22 -14.16
C PRO A 179 -1.74 -18.60 -15.61
N THR A 180 -0.92 -19.64 -15.76
CA THR A 180 -0.58 -20.19 -17.07
C THR A 180 -1.42 -21.45 -17.36
N ASP A 181 -2.32 -21.79 -16.43
CA ASP A 181 -3.15 -23.02 -16.52
C ASP A 181 -4.66 -22.76 -16.80
N PHE A 182 -5.33 -22.05 -15.89
CA PHE A 182 -6.72 -21.61 -16.08
C PHE A 182 -7.01 -20.45 -15.14
N PHE A 183 -8.06 -19.68 -15.46
CA PHE A 183 -8.43 -18.45 -14.74
C PHE A 183 -9.48 -18.70 -13.67
N GLN A 184 -9.28 -18.12 -12.50
CA GLN A 184 -10.27 -18.17 -11.44
C GLN A 184 -10.94 -16.83 -11.33
N ILE A 185 -12.23 -16.81 -11.60
CA ILE A 185 -12.99 -15.61 -11.68
C ILE A 185 -13.84 -15.56 -10.42
N TYR A 186 -13.76 -14.43 -9.69
CA TYR A 186 -14.55 -14.25 -8.47
C TYR A 186 -15.97 -13.79 -8.76
N GLY A 187 -16.94 -14.50 -8.19
CA GLY A 187 -18.35 -14.19 -8.41
C GLY A 187 -18.66 -14.25 -9.90
N ASP A 188 -19.41 -13.26 -10.38
CA ASP A 188 -19.74 -13.19 -11.80
C ASP A 188 -18.66 -12.45 -12.64
N GLY A 189 -17.56 -12.11 -11.98
CA GLY A 189 -16.45 -11.38 -12.60
C GLY A 189 -16.72 -10.01 -13.21
N ASN A 190 -17.86 -9.39 -12.88
CA ASN A 190 -18.23 -8.07 -13.43
CA ASN A 190 -18.31 -8.08 -13.39
C ASN A 190 -18.17 -6.94 -12.37
N VAL A 191 -17.24 -7.08 -11.42
CA VAL A 191 -17.06 -6.11 -10.35
C VAL A 191 -15.69 -5.44 -10.47
N LYS A 192 -15.67 -4.11 -10.68
CA LYS A 192 -14.44 -3.33 -11.00
C LYS A 192 -13.44 -3.11 -9.85
N ALA A 193 -12.16 -3.05 -10.19
CA ALA A 193 -11.13 -2.69 -9.22
C ALA A 193 -10.15 -1.73 -9.87
N TYR A 194 -9.34 -1.04 -9.04
CA TYR A 194 -8.22 -0.23 -9.53
C TYR A 194 -6.85 -0.89 -9.29
N PHE A 195 -6.05 -0.99 -10.35
CA PHE A 195 -4.74 -1.63 -10.30
C PHE A 195 -3.64 -0.60 -10.58
N VAL A 196 -2.62 -0.56 -9.73
CA VAL A 196 -1.57 0.45 -9.85
C VAL A 196 -0.19 -0.24 -9.75
N ALA A 197 0.72 0.15 -10.63
CA ALA A 197 2.10 -0.36 -10.62
C ALA A 197 2.86 0.02 -9.33
N GLY A 198 3.62 -0.93 -8.80
CA GLY A 198 4.45 -0.68 -7.64
C GLY A 198 5.20 0.63 -7.74
N THR A 199 5.74 0.96 -8.92
CA THR A 199 6.51 2.20 -9.09
C THR A 199 5.65 3.47 -9.08
N ASP A 200 4.39 3.35 -9.51
CA ASP A 200 3.47 4.49 -9.48
C ASP A 200 2.99 4.75 -8.05
N ILE A 201 2.95 3.69 -7.25
CA ILE A 201 2.60 3.81 -5.84
C ILE A 201 3.68 4.62 -5.11
N GLY A 202 4.94 4.32 -5.36
CA GLY A 202 6.03 5.04 -4.69
C GLY A 202 6.22 6.49 -5.13
N LYS A 203 6.09 6.72 -6.43
CA LYS A 203 6.35 8.03 -7.02
C LYS A 203 5.28 9.04 -6.62
N PHE A 204 4.02 8.66 -6.81
CA PHE A 204 2.93 9.53 -6.41
C PHE A 204 2.82 9.67 -4.88
N THR A 205 3.16 8.60 -4.14
CA THR A 205 3.22 8.71 -2.70
C THR A 205 4.15 9.86 -2.31
N MET A 206 5.36 9.87 -2.84
CA MET A 206 6.34 10.88 -2.48
C MET A 206 5.97 12.28 -2.92
N LYS A 207 5.30 12.41 -4.05
CA LYS A 207 4.74 13.69 -4.43
C LYS A 207 3.81 14.23 -3.34
N THR A 208 2.91 13.39 -2.82
CA THR A 208 1.90 13.88 -1.88
C THR A 208 2.41 14.46 -0.55
N VAL A 209 3.66 14.17 -0.18
CA VAL A 209 4.03 14.38 1.23
C VAL A 209 4.05 15.85 1.71
N ASP A 210 4.28 16.78 0.78
CA ASP A 210 4.42 18.20 1.13
C ASP A 210 3.57 19.07 0.20
N ASP A 211 2.63 18.40 -0.46
CA ASP A 211 1.58 19.03 -1.24
C ASP A 211 0.55 19.56 -0.25
N VAL A 212 0.25 20.85 -0.35
CA VAL A 212 -0.74 21.48 0.51
C VAL A 212 -2.09 20.83 0.32
N ARG A 213 -2.39 20.47 -0.92
CA ARG A 213 -3.69 19.89 -1.26
C ARG A 213 -3.95 18.49 -0.67
N THR A 214 -2.91 17.86 -0.12
CA THR A 214 -3.02 16.54 0.53
C THR A 214 -2.89 16.62 2.06
N LEU A 215 -2.89 17.83 2.61
CA LEU A 215 -2.82 17.96 4.06
C LEU A 215 -4.11 17.47 4.70
N ASN A 216 -3.97 16.48 5.59
CA ASN A 216 -5.10 15.92 6.35
C ASN A 216 -6.19 15.27 5.47
N LYS A 217 -5.76 14.67 4.37
CA LYS A 217 -6.68 14.05 3.40
C LYS A 217 -6.39 12.58 3.18
N SER A 218 -7.41 11.86 2.74
CA SER A 218 -7.26 10.56 2.12
C SER A 218 -6.98 10.79 0.63
N VAL A 219 -5.91 10.17 0.15
CA VAL A 219 -5.57 10.17 -1.25
C VAL A 219 -6.00 8.86 -1.92
N HIS A 220 -6.95 8.94 -2.85
CA HIS A 220 -7.41 7.74 -3.58
C HIS A 220 -6.79 7.69 -4.95
N PHE A 221 -6.20 6.53 -5.27
CA PHE A 221 -5.64 6.25 -6.59
C PHE A 221 -6.75 5.73 -7.48
N ARG A 222 -7.27 6.53 -8.39
CA ARG A 222 -8.29 6.02 -9.31
C ARG A 222 -7.98 6.20 -10.80
N PRO A 223 -6.94 5.53 -11.33
CA PRO A 223 -6.71 5.76 -12.78
C PRO A 223 -7.73 5.01 -13.63
N SER A 224 -8.49 5.76 -14.45
CA SER A 224 -9.52 5.16 -15.31
C SER A 224 -9.02 4.07 -16.27
N CYS A 225 -7.79 4.19 -16.74
CA CYS A 225 -7.23 3.25 -17.72
C CYS A 225 -6.96 1.92 -17.06
N ASN A 226 -6.79 1.96 -15.73
CA ASN A 226 -6.51 0.77 -14.95
C ASN A 226 -7.70 0.28 -14.12
N CYS A 227 -8.89 0.79 -14.45
CA CYS A 227 -10.14 0.34 -13.82
C CYS A 227 -10.77 -0.90 -14.52
N LEU A 228 -10.56 -2.07 -13.93
CA LEU A 228 -10.87 -3.35 -14.58
C LEU A 228 -11.60 -4.35 -13.69
N ASN A 229 -12.42 -5.22 -14.28
CA ASN A 229 -12.89 -6.40 -13.56
C ASN A 229 -12.01 -7.60 -13.92
N ILE A 230 -12.15 -8.73 -13.22
CA ILE A 230 -11.32 -9.91 -13.50
C ILE A 230 -11.45 -10.52 -14.89
N ASN A 231 -12.64 -10.42 -15.50
CA ASN A 231 -12.77 -10.89 -16.89
C ASN A 231 -11.88 -10.05 -17.78
N GLU A 232 -11.93 -8.73 -17.59
CA GLU A 232 -11.18 -7.79 -18.40
C GLU A 232 -9.72 -8.07 -18.16
N LEU A 233 -9.40 -8.34 -16.91
CA LEU A 233 -8.02 -8.54 -16.50
C LEU A 233 -7.47 -9.87 -17.05
N ALA A 234 -8.32 -10.89 -17.10
CA ALA A 234 -7.95 -12.14 -17.74
C ALA A 234 -7.69 -11.95 -19.22
N SER A 235 -8.58 -11.24 -19.89
CA SER A 235 -8.43 -10.97 -21.33
C SER A 235 -7.13 -10.26 -21.69
N VAL A 236 -6.73 -9.27 -20.90
CA VAL A 236 -5.45 -8.60 -21.09
C VAL A 236 -4.34 -9.66 -21.09
N TRP A 237 -4.33 -10.49 -20.06
CA TRP A 237 -3.33 -11.54 -19.94
C TRP A 237 -3.27 -12.48 -21.14
N GLU A 238 -4.42 -12.79 -21.75
CA GLU A 238 -4.51 -13.67 -22.94
C GLU A 238 -3.93 -13.05 -24.22
N LYS A 239 -4.13 -11.74 -24.43
CA LYS A 239 -3.46 -11.01 -25.51
C LYS A 239 -1.95 -11.17 -25.37
N LYS A 240 -1.48 -11.05 -24.13
CA LYS A 240 -0.06 -11.12 -23.81
C LYS A 240 0.56 -12.48 -24.13
N ILE A 241 -0.19 -13.54 -23.86
CA ILE A 241 0.32 -14.89 -24.04
C ILE A 241 -0.11 -15.48 -25.37
N GLY A 242 -1.05 -14.82 -26.05
CA GLY A 242 -1.46 -15.23 -27.38
C GLY A 242 -2.47 -16.36 -27.51
N ARG A 243 -3.04 -16.78 -26.38
CA ARG A 243 -4.00 -17.88 -26.37
C ARG A 243 -4.92 -17.80 -25.18
N THR A 244 -6.08 -18.44 -25.30
CA THR A 244 -7.13 -18.35 -24.27
C THR A 244 -7.01 -19.48 -23.25
N LEU A 245 -7.06 -19.13 -21.97
CA LEU A 245 -7.17 -20.12 -20.90
C LEU A 245 -8.63 -20.25 -20.45
N PRO A 246 -9.00 -21.45 -19.94
CA PRO A 246 -10.33 -21.67 -19.34
C PRO A 246 -10.56 -20.77 -18.14
N ARG A 247 -11.84 -20.47 -17.91
CA ARG A 247 -12.26 -19.63 -16.81
C ARG A 247 -13.14 -20.45 -15.90
N VAL A 248 -12.74 -20.55 -14.63
CA VAL A 248 -13.60 -21.18 -13.61
C VAL A 248 -14.12 -20.14 -12.60
N THR A 249 -15.32 -20.38 -12.07
CA THR A 249 -15.93 -19.53 -11.04
C THR A 249 -15.48 -19.95 -9.65
N VAL A 250 -14.98 -18.98 -8.90
CA VAL A 250 -14.81 -19.14 -7.48
C VAL A 250 -15.96 -18.34 -6.85
N THR A 251 -16.71 -18.97 -5.96
CA THR A 251 -17.89 -18.32 -5.39
C THR A 251 -17.58 -17.46 -4.16
N GLU A 252 -18.50 -16.56 -3.85
CA GLU A 252 -18.51 -15.85 -2.58
C GLU A 252 -18.43 -16.83 -1.38
N ASP A 253 -19.21 -17.90 -1.43
CA ASP A 253 -19.15 -18.91 -0.39
C ASP A 253 -17.77 -19.55 -0.30
N ASP A 254 -17.09 -19.73 -1.43
CA ASP A 254 -15.74 -20.31 -1.46
C ASP A 254 -14.87 -19.38 -0.65
N LEU A 255 -15.00 -18.09 -0.94
CA LEU A 255 -14.24 -17.06 -0.27
C LEU A 255 -14.56 -16.96 1.22
N LEU A 256 -15.85 -16.94 1.57
CA LEU A 256 -16.23 -16.86 2.99
C LEU A 256 -15.67 -18.03 3.82
N ALA A 257 -15.64 -19.22 3.22
CA ALA A 257 -15.14 -20.41 3.88
C ALA A 257 -13.64 -20.33 4.15
N ALA A 258 -12.90 -19.67 3.26
CA ALA A 258 -11.47 -19.52 3.42
C ALA A 258 -11.16 -18.44 4.48
N ALA A 259 -11.98 -17.39 4.51
CA ALA A 259 -11.88 -16.38 5.56
C ALA A 259 -12.21 -16.98 6.94
N GLY A 260 -13.26 -17.79 6.95
CA GLY A 260 -13.75 -18.42 8.16
C GLY A 260 -12.79 -19.36 8.86
N GLU A 261 -11.65 -19.66 8.23
CA GLU A 261 -10.64 -20.56 8.84
C GLU A 261 -9.62 -19.86 9.77
N ASN A 262 -9.60 -18.53 9.76
CA ASN A 262 -8.65 -17.79 10.61
C ASN A 262 -7.20 -18.32 10.54
N ILE A 263 -6.66 -18.40 9.33
CA ILE A 263 -5.27 -18.82 9.10
C ILE A 263 -4.46 -17.59 8.67
N ILE A 264 -3.52 -17.16 9.51
CA ILE A 264 -2.73 -15.96 9.25
C ILE A 264 -1.48 -16.31 8.45
N PRO A 265 -1.32 -15.67 7.25
CA PRO A 265 -2.20 -14.62 6.74
C PRO A 265 -3.08 -15.00 5.56
N GLN A 266 -3.04 -16.26 5.13
CA GLN A 266 -3.92 -16.78 4.05
C GLN A 266 -5.42 -16.36 4.09
N SER A 267 -6.05 -16.54 5.26
CA SER A 267 -7.44 -16.09 5.54
C SER A 267 -7.74 -14.58 5.41
N VAL A 268 -6.76 -13.73 5.69
CA VAL A 268 -6.97 -12.30 5.65
C VAL A 268 -7.04 -11.80 4.21
N VAL A 269 -6.18 -12.34 3.36
CA VAL A 269 -6.13 -11.98 1.97
C VAL A 269 -7.45 -12.32 1.33
N ALA A 270 -8.00 -13.46 1.76
CA ALA A 270 -9.30 -13.98 1.31
C ALA A 270 -10.47 -13.08 1.69
N ALA A 271 -10.41 -12.43 2.85
CA ALA A 271 -11.42 -11.45 3.24
C ALA A 271 -11.35 -10.24 2.32
N PHE A 272 -10.16 -9.82 1.95
CA PHE A 272 -10.03 -8.63 1.11
C PHE A 272 -10.55 -8.93 -0.30
N THR A 273 -10.24 -10.13 -0.77
CA THR A 273 -10.67 -10.57 -2.08
C THR A 273 -12.22 -10.57 -2.18
N HIS A 274 -12.89 -10.95 -1.10
CA HIS A 274 -14.34 -10.85 -1.00
C HIS A 274 -14.80 -9.40 -0.99
N ASP A 275 -14.02 -8.55 -0.36
CA ASP A 275 -14.40 -7.14 -0.28
C ASP A 275 -14.29 -6.46 -1.64
N ILE A 276 -13.17 -6.65 -2.35
CA ILE A 276 -12.98 -6.03 -3.66
C ILE A 276 -13.91 -6.61 -4.74
N PHE A 277 -13.86 -7.94 -4.94
CA PHE A 277 -14.48 -8.58 -6.14
C PHE A 277 -15.89 -9.10 -6.04
N ILE A 278 -16.36 -9.28 -4.80
CA ILE A 278 -17.75 -9.58 -4.58
C ILE A 278 -18.47 -8.29 -4.26
N LYS A 279 -17.99 -7.56 -3.26
CA LYS A 279 -18.71 -6.38 -2.75
C LYS A 279 -18.31 -5.03 -3.39
N GLY A 280 -17.26 -4.97 -4.20
CA GLY A 280 -16.88 -3.73 -4.91
C GLY A 280 -16.43 -2.54 -4.07
N CYS A 281 -15.75 -2.82 -2.96
CA CYS A 281 -15.41 -1.77 -1.96
C CYS A 281 -14.55 -0.64 -2.53
N GLN A 282 -13.68 -0.97 -3.49
CA GLN A 282 -12.81 0.01 -4.16
C GLN A 282 -13.52 1.13 -4.94
N VAL A 283 -14.72 0.83 -5.45
CA VAL A 283 -15.43 1.76 -6.33
C VAL A 283 -16.85 2.13 -5.88
N ASN A 284 -17.33 1.64 -4.75
CA ASN A 284 -18.71 1.91 -4.41
C ASN A 284 -18.95 3.23 -3.66
N PHE A 285 -17.95 4.10 -3.61
CA PHE A 285 -18.05 5.43 -2.95
C PHE A 285 -17.50 6.59 -3.80
N SER A 286 -18.20 7.72 -3.71
CA SER A 286 -17.78 8.99 -4.31
C SER A 286 -16.63 9.65 -3.54
N ILE A 287 -15.79 10.37 -4.28
CA ILE A 287 -14.70 11.08 -3.64
C ILE A 287 -14.80 12.59 -3.86
N ASP A 288 -16.02 13.06 -4.16
CA ASP A 288 -16.26 14.49 -4.37
C ASP A 288 -16.32 15.35 -3.08
N GLY A 289 -16.30 14.71 -1.90
CA GLY A 289 -16.22 15.44 -0.63
C GLY A 289 -14.88 16.12 -0.39
N PRO A 290 -14.80 16.94 0.70
CA PRO A 290 -13.61 17.76 1.00
C PRO A 290 -12.46 17.09 1.77
N GLU A 291 -12.68 15.89 2.31
CA GLU A 291 -11.57 15.21 3.01
C GLU A 291 -10.90 14.11 2.16
N ASP A 292 -11.35 14.02 0.90
CA ASP A 292 -10.90 13.04 -0.09
C ASP A 292 -10.41 13.75 -1.36
N VAL A 293 -9.27 13.28 -1.88
CA VAL A 293 -8.74 13.76 -3.14
C VAL A 293 -8.26 12.58 -3.99
N GLU A 294 -8.21 12.74 -5.32
CA GLU A 294 -7.79 11.69 -6.24
C GLU A 294 -6.49 12.03 -6.99
N VAL A 295 -5.54 11.08 -7.04
CA VAL A 295 -4.24 11.32 -7.69
C VAL A 295 -4.22 11.85 -9.13
N THR A 296 -5.03 11.28 -10.03
CA THR A 296 -5.02 11.74 -11.44
C THR A 296 -5.50 13.19 -11.58
N THR A 297 -6.33 13.66 -10.66
CA THR A 297 -6.76 15.06 -10.70
C THR A 297 -5.81 16.01 -9.98
N LEU A 298 -5.00 15.51 -9.06
CA LEU A 298 -3.96 16.33 -8.42
C LEU A 298 -2.77 16.54 -9.33
N TYR A 299 -2.48 15.55 -10.15
CA TYR A 299 -1.36 15.64 -11.07
C TYR A 299 -1.81 15.38 -12.49
N PRO A 300 -2.49 16.37 -13.10
CA PRO A 300 -3.03 16.18 -14.45
C PRO A 300 -1.92 16.05 -15.47
N GLU A 301 -2.20 15.31 -16.56
CA GLU A 301 -1.25 15.12 -17.67
C GLU A 301 0.04 14.38 -17.25
N ASP A 302 -0.11 13.44 -16.31
CA ASP A 302 1.00 12.66 -15.77
C ASP A 302 0.56 11.21 -15.64
N SER A 303 1.01 10.40 -16.58
CA SER A 303 0.44 9.09 -16.84
C SER A 303 0.83 7.95 -15.90
N PHE A 304 -0.17 7.18 -15.52
CA PHE A 304 0.04 5.93 -14.83
C PHE A 304 0.57 4.90 -15.82
N ARG A 305 1.19 3.85 -15.32
CA ARG A 305 1.49 2.70 -16.14
C ARG A 305 0.25 1.82 -16.29
N THR A 306 -0.03 1.40 -17.52
CA THR A 306 -1.15 0.49 -17.80
C THR A 306 -0.84 -0.96 -17.39
N VAL A 307 -1.90 -1.69 -17.08
CA VAL A 307 -1.81 -3.12 -16.77
C VAL A 307 -1.19 -3.83 -17.97
N GLU A 308 -1.56 -3.40 -19.18
CA GLU A 308 -0.94 -3.90 -20.42
C GLU A 308 0.60 -3.90 -20.35
N GLU A 309 1.20 -2.80 -19.91
CA GLU A 309 2.66 -2.70 -19.83
C GLU A 309 3.22 -3.35 -18.57
N CYS A 310 2.44 -3.37 -17.50
CA CYS A 310 2.81 -4.11 -16.29
C CYS A 310 2.89 -5.61 -16.53
N PHE A 311 1.81 -6.14 -17.08
CA PHE A 311 1.73 -7.54 -17.49
C PHE A 311 2.79 -7.80 -18.55
N GLY A 312 2.96 -6.84 -19.45
CA GLY A 312 4.03 -6.88 -20.44
C GLY A 312 5.35 -7.37 -19.88
N GLU A 313 5.81 -6.75 -18.77
CA GLU A 313 7.08 -7.12 -18.16
C GLU A 313 7.06 -8.42 -17.33
N TYR A 314 5.86 -8.93 -17.01
CA TYR A 314 5.70 -10.23 -16.37
C TYR A 314 6.05 -11.37 -17.32
N ILE A 315 6.06 -11.07 -18.61
CA ILE A 315 6.44 -12.05 -19.64
C ILE A 315 7.97 -12.27 -19.66
N VAL A 316 8.70 -11.40 -18.97
CA VAL A 316 10.17 -11.47 -18.89
C VAL A 316 10.66 -12.61 -17.96
N LYS A 317 11.15 -13.69 -18.56
CA LYS A 317 11.60 -14.87 -17.85
#